data_3TOD
#
_entry.id   3TOD
#
_cell.length_a   62.415
_cell.length_b   49.977
_cell.length_c   65.289
_cell.angle_alpha   90.00
_cell.angle_beta   107.14
_cell.angle_gamma   90.00
#
_symmetry.space_group_name_H-M   'P 1 21 1'
#
loop_
_entity.id
_entity.type
_entity.pdbx_description
1 polymer Lactotransferrin
2 polymer 'peptide, LEACAF from Lactotransferrin'
3 branched 2-acetamido-2-deoxy-beta-D-glucopyranose-(1-4)-2-acetamido-2-deoxy-beta-D-glucopyranose
4 non-polymer 'FE (III) ION'
5 non-polymer 'ZINC ION'
6 non-polymer 'CARBONATE ION'
7 non-polymer 'SULFATE ION'
8 non-polymer GLYCEROL
9 non-polymer ETHANOL
10 non-polymer '1-butyl-1H-pyrazole-5-carboxylic acid'
11 water water
#
loop_
_entity_poly.entity_id
_entity_poly.type
_entity_poly.pdbx_seq_one_letter_code
_entity_poly.pdbx_strand_id
1 'polypeptide(L)'
;YTRVVWCAVGPEEQKKCQQWSQQSGQNVTCATASTTDDCIVLVLKGEADALNLDGGYIYTAGKCGLVPVLAENRKSSKHS
SLDCVLRPTEGYLAVAVVKKANEGLTWNSLKDKKSCHTAVDRTAGWNIPMGLIVNQTGSCAFDEFFSQSCAPGADPKSRL
CALCAGDDQGLDKCVPNSKEKYYGYTGAFRCLAEDVGDVAFVKNDTVWENTNGESTADWAKNLKREDFRLLCLDGTRKPV
TEAQSCHLAVAPNHAVVSRSDRAAHVEQVLLHQQALFGKNGKNCPDKFCLFKSETKNLLFNDNTECLAKLGGRPTYEEYL
GTEYVTAIANLKKCS
;
A
2 'polypeptide(L)' LEACAF B
#
# COMPACT_ATOMS: atom_id res chain seq x y z
N TYR A 1 25.23 15.62 -14.34
CA TYR A 1 23.80 15.38 -13.95
C TYR A 1 23.82 15.07 -12.48
N THR A 2 22.66 15.05 -11.85
CA THR A 2 22.63 14.77 -10.44
C THR A 2 22.07 13.32 -10.10
N ARG A 3 22.55 12.91 -8.96
CA ARG A 3 22.08 11.65 -8.39
C ARG A 3 20.62 11.82 -7.93
N VAL A 4 19.82 10.74 -7.93
CA VAL A 4 18.45 10.74 -7.29
C VAL A 4 18.49 10.03 -5.98
N VAL A 5 18.02 10.73 -4.93
CA VAL A 5 18.07 10.24 -3.56
C VAL A 5 16.69 9.65 -3.23
N TRP A 6 16.62 8.32 -3.20
CA TRP A 6 15.38 7.63 -2.81
C TRP A 6 15.19 7.57 -1.29
N CYS A 7 13.95 7.48 -0.84
CA CYS A 7 13.69 7.30 0.56
C CYS A 7 13.06 5.98 0.85
N ALA A 8 13.79 5.23 1.67
CA ALA A 8 13.42 3.90 2.12
C ALA A 8 12.75 3.97 3.51
N VAL A 9 11.65 3.25 3.65
CA VAL A 9 10.92 3.22 4.91
C VAL A 9 11.32 1.97 5.66
N GLY A 10 12.08 2.11 6.70
CA GLY A 10 12.56 0.98 7.47
C GLY A 10 13.76 0.24 6.89
N PRO A 11 14.34 -0.65 7.69
CA PRO A 11 15.63 -1.26 7.36
C PRO A 11 15.64 -2.29 6.24
N GLU A 12 14.50 -2.94 6.01
CA GLU A 12 14.40 -3.90 4.88
C GLU A 12 14.38 -3.13 3.56
N GLU A 13 13.57 -2.05 3.53
CA GLU A 13 13.61 -1.22 2.33
C GLU A 13 15.01 -0.57 2.17
N GLN A 14 15.65 -0.16 3.30
CA GLN A 14 16.99 0.36 3.15
C GLN A 14 17.99 -0.62 2.48
N LYS A 15 17.93 -1.88 2.94
CA LYS A 15 18.84 -2.84 2.34
C LYS A 15 18.61 -3.00 0.83
N LYS A 16 17.31 -3.07 0.46
CA LYS A 16 17.03 -3.17 -1.00
C LYS A 16 17.51 -1.91 -1.78
N CYS A 17 17.31 -0.76 -1.19
CA CYS A 17 17.74 0.45 -1.84
C CYS A 17 19.25 0.48 -2.06
N GLN A 18 19.97 0.05 -1.03
CA GLN A 18 21.39 0.00 -1.08
C GLN A 18 21.89 -0.93 -2.20
N GLN A 19 21.19 -2.05 -2.39
CA GLN A 19 21.53 -2.91 -3.57
C GLN A 19 21.26 -2.16 -4.89
N TRP A 20 20.07 -1.53 -5.00
CA TRP A 20 19.80 -0.76 -6.16
C TRP A 20 20.86 0.28 -6.40
N SER A 21 21.24 1.00 -5.35
CA SER A 21 22.23 2.08 -5.49
C SER A 21 23.55 1.56 -6.09
N GLN A 22 24.01 0.43 -5.57
CA GLN A 22 25.26 -0.18 -6.07
C GLN A 22 25.09 -0.58 -7.53
N GLN A 23 23.96 -1.18 -7.85
CA GLN A 23 23.81 -1.62 -9.23
C GLN A 23 23.66 -0.49 -10.22
N SER A 24 23.16 0.66 -9.73
CA SER A 24 22.89 1.82 -10.55
C SER A 24 24.15 2.73 -10.72
N GLY A 25 25.25 2.34 -10.11
CA GLY A 25 26.55 3.08 -10.22
C GLY A 25 26.39 4.42 -9.53
N GLN A 26 25.58 4.38 -8.47
CA GLN A 26 25.26 5.57 -7.62
C GLN A 26 24.45 6.56 -8.37
N ASN A 27 23.80 6.22 -9.45
CA ASN A 27 22.83 7.11 -10.04
C ASN A 27 21.65 7.29 -9.09
N VAL A 28 21.36 6.25 -8.29
CA VAL A 28 20.35 6.39 -7.21
C VAL A 28 21.13 6.12 -5.93
N THR A 29 20.86 6.95 -4.94
CA THR A 29 21.36 6.77 -3.60
C THR A 29 20.17 6.78 -2.59
N CYS A 30 20.44 6.48 -1.32
CA CYS A 30 19.40 6.13 -0.37
C CYS A 30 19.39 7.01 0.90
N ALA A 31 18.22 7.49 1.25
CA ALA A 31 17.96 8.02 2.59
C ALA A 31 16.99 7.04 3.23
N THR A 32 16.93 7.00 4.55
CA THR A 32 16.02 6.08 5.17
C THR A 32 15.35 6.71 6.35
N ALA A 33 14.10 6.42 6.62
CA ALA A 33 13.38 6.99 7.79
C ALA A 33 12.52 5.81 8.35
N SER A 34 11.92 6.00 9.50
CA SER A 34 11.24 4.87 10.13
C SER A 34 9.84 4.73 9.63
N THR A 35 9.24 5.81 9.11
CA THR A 35 7.87 5.74 8.64
C THR A 35 7.72 6.51 7.33
N THR A 36 6.60 6.25 6.65
CA THR A 36 6.31 6.96 5.40
C THR A 36 6.22 8.49 5.59
N ASP A 37 5.53 8.89 6.64
CA ASP A 37 5.41 10.30 6.91
C ASP A 37 6.77 10.92 7.14
N ASP A 38 7.66 10.25 7.83
CA ASP A 38 9.01 10.79 7.99
C ASP A 38 9.74 10.88 6.66
N CYS A 39 9.61 9.92 5.74
CA CYS A 39 10.21 10.05 4.44
C CYS A 39 9.59 11.25 3.63
N ILE A 40 8.30 11.42 3.79
CA ILE A 40 7.64 12.61 3.15
C ILE A 40 8.34 13.91 3.68
N VAL A 41 8.59 13.95 4.98
CA VAL A 41 9.26 15.14 5.56
C VAL A 41 10.65 15.22 5.02
N LEU A 42 11.42 14.15 4.85
CA LEU A 42 12.78 14.27 4.25
C LEU A 42 12.74 14.88 2.84
N VAL A 43 11.78 14.44 2.07
CA VAL A 43 11.59 15.01 0.72
C VAL A 43 11.21 16.49 0.80
N LEU A 44 10.31 16.85 1.70
CA LEU A 44 9.91 18.28 1.83
C LEU A 44 11.15 19.06 2.26
N LYS A 45 12.07 18.53 3.03
CA LYS A 45 13.25 19.26 3.41
C LYS A 45 14.32 19.31 2.35
N GLY A 46 14.19 18.54 1.30
CA GLY A 46 15.22 18.38 0.30
C GLY A 46 16.34 17.41 0.60
N GLU A 47 16.12 16.56 1.59
CA GLU A 47 17.08 15.60 2.06
C GLU A 47 16.87 14.24 1.41
N ALA A 48 15.77 14.09 0.69
CA ALA A 48 15.61 13.03 -0.28
C ALA A 48 14.82 13.60 -1.47
N ASP A 49 14.80 12.86 -2.56
CA ASP A 49 14.10 13.27 -3.76
C ASP A 49 12.70 12.68 -3.93
N ALA A 50 12.58 11.41 -3.61
CA ALA A 50 11.34 10.73 -4.05
C ALA A 50 11.14 9.37 -3.28
N LEU A 51 9.86 8.98 -3.29
CA LEU A 51 9.54 7.56 -2.93
C LEU A 51 8.20 7.23 -3.57
N ASN A 52 7.86 5.96 -3.60
CA ASN A 52 6.61 5.46 -4.09
C ASN A 52 5.59 5.35 -2.90
N LEU A 53 4.35 5.76 -3.14
CA LEU A 53 3.38 5.96 -2.08
C LEU A 53 1.99 5.39 -2.38
N ASP A 54 1.36 4.78 -1.38
CA ASP A 54 -0.05 4.46 -1.48
C ASP A 54 -0.83 5.77 -1.61
N GLY A 55 -2.06 5.72 -2.11
CA GLY A 55 -2.85 6.99 -2.33
C GLY A 55 -3.14 7.72 -1.06
N GLY A 56 -3.32 7.10 0.10
CA GLY A 56 -3.60 7.86 1.32
C GLY A 56 -2.40 8.72 1.71
N TYR A 57 -1.23 8.21 1.45
CA TYR A 57 0.02 8.91 1.72
C TYR A 57 0.21 9.96 0.63
N ILE A 58 -0.20 9.64 -0.59
CA ILE A 58 -0.15 10.73 -1.65
C ILE A 58 -1.00 11.91 -1.17
N TYR A 59 -2.10 11.68 -0.45
CA TYR A 59 -2.92 12.77 0.06
C TYR A 59 -2.11 13.66 1.00
N THR A 60 -1.40 13.03 1.93
CA THR A 60 -0.57 13.77 2.86
C THR A 60 0.47 14.52 2.14
N ALA A 61 1.19 13.85 1.21
CA ALA A 61 2.35 14.40 0.53
C ALA A 61 1.83 15.59 -0.34
N GLY A 62 0.67 15.39 -0.96
CA GLY A 62 0.16 16.41 -1.93
C GLY A 62 -0.34 17.65 -1.22
N LYS A 63 -0.89 17.49 -0.05
CA LYS A 63 -1.30 18.70 0.82
C LYS A 63 -0.03 19.49 1.15
N CYS A 64 1.13 18.85 1.11
CA CYS A 64 2.38 19.47 1.45
C CYS A 64 3.16 19.93 0.26
N GLY A 65 2.57 19.80 -0.92
CA GLY A 65 3.14 20.35 -2.12
C GLY A 65 3.90 19.36 -3.01
N LEU A 66 4.00 18.04 -2.63
CA LEU A 66 4.69 17.11 -3.56
C LEU A 66 3.68 16.68 -4.62
N VAL A 67 4.27 16.25 -5.72
CA VAL A 67 3.57 15.94 -6.94
C VAL A 67 3.81 14.52 -7.44
N PRO A 68 2.79 13.98 -8.09
CA PRO A 68 2.94 12.62 -8.64
C PRO A 68 3.79 12.64 -9.88
N VAL A 69 4.61 11.61 -10.05
CA VAL A 69 5.60 11.56 -11.12
C VAL A 69 5.38 10.44 -12.08
N LEU A 70 5.22 9.20 -11.55
CA LEU A 70 4.94 7.98 -12.37
C LEU A 70 4.15 7.08 -11.47
N ALA A 71 3.31 6.22 -12.05
CA ALA A 71 2.44 5.36 -11.24
C ALA A 71 2.80 3.89 -11.45
N GLU A 72 2.62 3.07 -10.43
CA GLU A 72 2.70 1.62 -10.68
C GLU A 72 1.62 1.16 -11.68
N ASN A 73 2.05 0.25 -12.57
CA ASN A 73 1.12 -0.39 -13.53
C ASN A 73 1.31 -1.87 -13.31
N ARG A 74 0.25 -2.54 -12.91
CA ARG A 74 0.40 -4.00 -12.80
C ARG A 74 -0.03 -4.59 -14.17
N LYS A 75 0.03 -5.84 -14.33
CA LYS A 75 -0.50 -6.49 -15.54
C LYS A 75 -1.99 -6.19 -15.75
N SER A 76 -2.29 -5.86 -17.05
CA SER A 76 -3.70 -5.56 -17.36
C SER A 76 -4.50 -6.84 -17.56
N SER A 77 -5.72 -6.74 -17.28
CA SER A 77 -6.67 -7.85 -17.34
C SER A 77 -7.05 -8.18 -18.80
N LYS A 78 -6.94 -7.16 -19.61
CA LYS A 78 -7.26 -7.24 -21.00
C LYS A 78 -6.01 -6.98 -21.80
N HIS A 79 -5.88 -7.67 -22.94
CA HIS A 79 -4.90 -7.34 -23.96
C HIS A 79 -4.93 -5.85 -24.30
N SER A 80 -3.73 -5.31 -24.37
CA SER A 80 -3.46 -3.94 -24.76
C SER A 80 -2.20 -4.05 -25.65
N SER A 81 -2.20 -3.29 -26.75
CA SER A 81 -1.03 -3.23 -27.64
C SER A 81 -0.02 -2.14 -27.22
N LEU A 82 -0.43 -1.28 -26.28
CA LEU A 82 0.44 -0.25 -25.72
C LEU A 82 1.61 -0.80 -24.85
N ASP A 83 2.72 -0.08 -24.91
CA ASP A 83 3.82 -0.39 -24.02
C ASP A 83 3.33 -0.10 -22.58
N CYS A 84 3.79 -0.91 -21.64
CA CYS A 84 3.46 -0.69 -20.26
C CYS A 84 3.60 0.77 -19.81
N VAL A 85 4.64 1.47 -20.23
CA VAL A 85 4.88 2.82 -19.74
C VAL A 85 3.83 3.74 -20.22
N LEU A 86 3.14 3.42 -21.33
CA LEU A 86 2.03 4.22 -21.86
C LEU A 86 0.59 3.71 -21.70
N ARG A 87 0.41 2.57 -21.06
CA ARG A 87 -0.91 2.03 -20.79
C ARG A 87 -1.54 2.82 -19.62
N PRO A 88 -2.85 3.22 -19.74
CA PRO A 88 -3.49 3.92 -18.60
C PRO A 88 -3.58 2.96 -17.37
N THR A 89 -3.38 3.47 -16.15
CA THR A 89 -3.50 2.60 -14.95
C THR A 89 -4.98 2.16 -14.73
N GLU A 90 -5.21 1.03 -14.03
CA GLU A 90 -6.58 0.51 -13.81
C GLU A 90 -7.21 0.66 -12.39
N GLY A 91 -6.38 0.95 -11.47
CA GLY A 91 -6.82 1.04 -10.08
C GLY A 91 -6.93 -0.37 -9.57
N TYR A 92 -6.77 -0.52 -8.27
CA TYR A 92 -6.95 -1.81 -7.60
C TYR A 92 -8.21 -1.85 -6.73
N LEU A 93 -8.66 -3.05 -6.37
CA LEU A 93 -9.91 -3.21 -5.68
C LEU A 93 -9.65 -3.37 -4.17
N ALA A 94 -10.11 -2.42 -3.35
CA ALA A 94 -10.04 -2.58 -1.90
C ALA A 94 -11.12 -3.55 -1.49
N VAL A 95 -10.76 -4.50 -0.60
CA VAL A 95 -11.72 -5.49 -0.22
C VAL A 95 -11.62 -5.77 1.27
N ALA A 96 -12.70 -6.33 1.80
CA ALA A 96 -12.70 -6.87 3.18
C ALA A 96 -12.71 -8.41 3.17
N VAL A 97 -11.70 -9.05 3.71
CA VAL A 97 -11.54 -10.53 3.57
C VAL A 97 -11.75 -11.13 4.90
N VAL A 98 -12.41 -12.28 4.94
CA VAL A 98 -12.66 -13.07 6.20
C VAL A 98 -12.40 -14.55 5.86
N LYS A 99 -12.34 -15.38 6.89
CA LYS A 99 -12.27 -16.83 6.64
C LYS A 99 -13.71 -17.32 6.35
N LYS A 100 -13.77 -18.24 5.36
CA LYS A 100 -15.04 -18.94 5.05
C LYS A 100 -15.60 -19.66 6.34
N ALA A 101 -14.67 -20.21 7.15
CA ALA A 101 -15.11 -20.96 8.35
C ALA A 101 -15.74 -20.03 9.44
N ASN A 102 -15.52 -18.72 9.32
CA ASN A 102 -16.09 -17.78 10.23
C ASN A 102 -17.50 -17.41 9.70
N GLU A 103 -18.44 -18.32 9.86
CA GLU A 103 -19.67 -18.29 9.08
C GLU A 103 -20.65 -17.19 9.33
N GLY A 104 -20.69 -16.74 10.55
CA GLY A 104 -21.65 -15.61 10.83
C GLY A 104 -21.34 -14.20 10.27
N LEU A 105 -20.09 -14.06 9.85
CA LEU A 105 -19.56 -12.72 9.76
C LEU A 105 -19.86 -12.05 8.39
N THR A 106 -20.46 -10.86 8.46
CA THR A 106 -20.75 -10.03 7.29
C THR A 106 -20.36 -8.60 7.61
N TRP A 107 -20.41 -7.76 6.58
CA TRP A 107 -20.14 -6.34 6.75
C TRP A 107 -20.97 -5.78 7.92
N ASN A 108 -22.22 -6.25 8.06
CA ASN A 108 -23.15 -5.69 9.06
C ASN A 108 -22.98 -6.28 10.42
N SER A 109 -22.06 -7.18 10.61
CA SER A 109 -21.70 -7.69 11.93
C SER A 109 -20.23 -7.56 12.29
N LEU A 110 -19.59 -6.56 11.72
CA LEU A 110 -18.18 -6.22 12.13
C LEU A 110 -17.93 -5.65 13.50
N LYS A 111 -18.93 -4.95 14.03
CA LYS A 111 -18.70 -4.32 15.29
C LYS A 111 -18.24 -5.36 16.34
N ASP A 112 -17.27 -4.96 17.15
CA ASP A 112 -16.71 -5.78 18.19
C ASP A 112 -15.91 -6.96 17.70
N LYS A 113 -15.63 -7.00 16.40
CA LYS A 113 -14.74 -8.06 15.91
C LYS A 113 -13.26 -7.61 15.86
N LYS A 114 -12.34 -8.47 15.47
CA LYS A 114 -10.91 -8.16 15.47
C LYS A 114 -10.48 -7.84 14.04
N SER A 115 -9.77 -6.74 13.83
CA SER A 115 -9.47 -6.37 12.42
C SER A 115 -7.95 -6.25 12.17
N CYS A 116 -7.57 -6.40 10.91
CA CYS A 116 -6.23 -6.36 10.45
C CYS A 116 -6.18 -5.28 9.35
N HIS A 117 -5.37 -4.24 9.47
CA HIS A 117 -5.27 -3.14 8.51
C HIS A 117 -3.88 -3.04 8.02
N THR A 118 -3.65 -2.57 6.79
CA THR A 118 -2.32 -2.41 6.27
C THR A 118 -1.47 -1.38 7.11
N ALA A 119 -2.14 -0.20 7.34
CA ALA A 119 -1.59 0.91 8.26
C ALA A 119 -2.65 1.94 8.25
N VAL A 120 -2.61 2.71 9.34
CA VAL A 120 -3.39 3.95 9.38
C VAL A 120 -2.90 4.79 8.16
N ASP A 121 -3.88 5.49 7.64
CA ASP A 121 -3.72 6.43 6.54
C ASP A 121 -3.61 5.81 5.15
N ARG A 122 -3.58 4.50 5.04
CA ARG A 122 -3.53 3.91 3.72
C ARG A 122 -4.91 3.61 3.14
N THR A 123 -4.96 3.53 1.83
CA THR A 123 -6.26 3.41 1.09
C THR A 123 -7.25 2.27 1.47
N ALA A 124 -6.72 1.08 1.11
CA ALA A 124 -7.55 -0.12 1.33
C ALA A 124 -7.57 -0.53 2.83
N GLY A 125 -6.42 -0.22 3.44
CA GLY A 125 -6.22 -0.68 4.81
C GLY A 125 -7.02 0.14 5.81
N TRP A 126 -7.31 1.40 5.44
CA TRP A 126 -7.80 2.37 6.51
C TRP A 126 -8.82 3.41 5.92
N ASN A 127 -8.43 4.19 4.94
CA ASN A 127 -9.30 5.30 4.54
C ASN A 127 -10.67 4.81 4.05
N ILE A 128 -10.64 3.78 3.18
CA ILE A 128 -11.89 3.32 2.59
C ILE A 128 -12.75 2.60 3.68
N PRO A 129 -12.21 1.59 4.45
CA PRO A 129 -13.11 0.92 5.37
C PRO A 129 -13.49 1.82 6.55
N MET A 130 -12.51 2.58 7.09
CA MET A 130 -12.95 3.42 8.21
C MET A 130 -13.86 4.61 7.79
N GLY A 131 -13.65 5.09 6.57
CA GLY A 131 -14.49 6.17 6.05
C GLY A 131 -15.92 5.67 5.94
N LEU A 132 -16.09 4.44 5.39
CA LEU A 132 -17.41 3.80 5.30
C LEU A 132 -18.02 3.54 6.69
N ILE A 133 -17.22 3.00 7.63
CA ILE A 133 -17.70 2.75 9.00
C ILE A 133 -18.10 3.98 9.77
N VAL A 134 -17.25 4.99 9.74
CA VAL A 134 -17.69 6.29 10.40
C VAL A 134 -18.99 6.75 9.76
N ASN A 135 -19.13 6.71 8.44
CA ASN A 135 -20.40 7.15 7.85
C ASN A 135 -21.61 6.35 8.23
N GLN A 136 -21.49 5.02 8.10
CA GLN A 136 -22.64 4.14 8.45
C GLN A 136 -22.98 4.18 9.96
N THR A 137 -22.02 4.41 10.85
CA THR A 137 -22.27 4.46 12.29
C THR A 137 -22.67 5.88 12.72
N GLY A 138 -22.40 6.84 11.86
CA GLY A 138 -22.58 8.22 12.34
C GLY A 138 -21.73 8.57 13.53
N SER A 139 -20.53 8.01 13.61
CA SER A 139 -19.69 8.25 14.70
C SER A 139 -18.22 8.34 14.32
N CYS A 140 -17.53 9.35 14.83
CA CYS A 140 -16.04 9.45 14.68
C CYS A 140 -15.21 8.51 15.56
N ALA A 141 -15.87 7.74 16.45
CA ALA A 141 -15.17 6.90 17.41
C ALA A 141 -14.79 5.60 16.69
N PHE A 142 -14.11 5.72 15.53
CA PHE A 142 -13.58 4.52 14.79
C PHE A 142 -12.54 3.70 15.64
N ASP A 143 -12.00 4.31 16.66
CA ASP A 143 -11.06 3.62 17.51
C ASP A 143 -11.63 2.70 18.57
N GLU A 144 -12.96 2.65 18.67
CA GLU A 144 -13.79 1.83 19.62
C GLU A 144 -14.77 0.93 18.90
N PHE A 145 -14.61 0.78 17.60
CA PHE A 145 -15.46 -0.06 16.81
C PHE A 145 -15.13 -1.53 16.82
N PHE A 146 -13.90 -1.87 16.46
CA PHE A 146 -13.41 -3.22 16.58
C PHE A 146 -12.99 -3.50 17.98
N SER A 147 -13.12 -4.71 18.45
CA SER A 147 -12.67 -4.98 19.84
C SER A 147 -11.16 -4.81 19.95
N GLN A 148 -10.41 -5.32 18.96
CA GLN A 148 -8.96 -5.20 18.94
C GLN A 148 -8.57 -5.14 17.46
N SER A 149 -7.45 -4.48 17.20
CA SER A 149 -6.98 -4.46 15.82
C SER A 149 -5.44 -4.48 15.72
N CYS A 150 -4.86 -4.73 14.51
CA CYS A 150 -3.50 -4.29 14.19
C CYS A 150 -3.66 -3.25 13.11
N ALA A 151 -3.41 -2.01 13.47
CA ALA A 151 -3.43 -0.86 12.58
C ALA A 151 -2.13 -0.06 12.74
N PRO A 152 -1.08 -0.51 12.09
CA PRO A 152 0.26 0.10 12.21
C PRO A 152 0.13 1.62 12.07
N GLY A 153 0.82 2.30 13.00
CA GLY A 153 0.81 3.78 13.09
C GLY A 153 -0.13 4.32 14.15
N ALA A 154 -0.99 3.49 14.77
CA ALA A 154 -1.87 3.95 15.85
C ALA A 154 -1.10 3.91 17.16
N ASP A 155 -1.72 4.37 18.24
CA ASP A 155 -1.07 4.37 19.54
C ASP A 155 -0.79 2.91 19.94
N PRO A 156 0.48 2.59 20.17
CA PRO A 156 0.84 1.19 20.48
C PRO A 156 0.19 0.63 21.72
N LYS A 157 -0.24 1.47 22.63
CA LYS A 157 -0.93 0.90 23.81
C LYS A 157 -2.41 0.70 23.63
N SER A 158 -2.98 1.20 22.49
CA SER A 158 -4.45 1.23 22.28
C SER A 158 -4.97 -0.07 21.66
N ARG A 159 -6.31 -0.22 21.64
CA ARG A 159 -6.89 -1.39 21.06
C ARG A 159 -6.55 -1.46 19.60
N LEU A 160 -6.30 -0.34 18.94
CA LEU A 160 -6.00 -0.42 17.50
C LEU A 160 -4.69 -1.04 17.23
N CYS A 161 -3.79 -1.21 18.19
CA CYS A 161 -2.47 -1.90 18.05
C CYS A 161 -2.34 -3.22 18.77
N ALA A 162 -3.48 -3.62 19.39
CA ALA A 162 -3.36 -4.78 20.29
C ALA A 162 -2.99 -6.07 19.63
N LEU A 163 -3.35 -6.22 18.36
CA LEU A 163 -3.01 -7.48 17.63
C LEU A 163 -1.73 -7.40 16.93
N CYS A 164 -1.07 -6.21 16.84
CA CYS A 164 0.21 -6.13 16.23
C CYS A 164 1.30 -6.91 16.95
N ALA A 165 2.31 -7.39 16.29
CA ALA A 165 3.26 -8.32 16.89
C ALA A 165 4.72 -7.84 16.82
N GLY A 166 5.04 -6.69 16.20
CA GLY A 166 6.40 -6.30 16.14
C GLY A 166 7.33 -7.22 15.36
N ASP A 167 8.64 -7.09 15.66
CA ASP A 167 9.70 -7.84 14.91
C ASP A 167 10.06 -9.14 15.58
N ASP A 168 11.10 -9.82 15.10
CA ASP A 168 11.41 -11.12 15.73
C ASP A 168 11.54 -11.06 17.23
N GLN A 169 11.91 -9.91 17.75
CA GLN A 169 11.88 -9.59 19.18
C GLN A 169 10.71 -8.87 19.84
N GLY A 170 9.57 -8.69 19.20
CA GLY A 170 8.58 -7.84 19.84
C GLY A 170 8.96 -6.37 19.92
N LEU A 171 10.12 -6.04 19.36
CA LEU A 171 10.45 -4.62 19.28
C LEU A 171 9.58 -4.07 18.15
N ASP A 172 9.23 -2.79 18.25
CA ASP A 172 8.63 -2.09 17.17
C ASP A 172 7.17 -2.55 16.96
N LYS A 173 6.50 -3.03 17.99
CA LYS A 173 5.08 -3.37 17.86
C LYS A 173 4.33 -2.17 17.26
N CYS A 174 3.57 -2.43 16.18
CA CYS A 174 2.67 -1.45 15.60
C CYS A 174 3.42 -0.37 14.79
N VAL A 175 4.75 -0.42 14.58
CA VAL A 175 5.35 0.64 13.72
C VAL A 175 4.84 0.43 12.30
N PRO A 176 4.67 1.50 11.55
CA PRO A 176 4.17 1.39 10.17
C PRO A 176 5.33 1.22 9.18
N ASN A 177 6.05 0.09 9.34
CA ASN A 177 7.05 -0.32 8.40
C ASN A 177 7.15 -1.85 8.48
N SER A 178 7.92 -2.38 7.52
CA SER A 178 7.93 -3.86 7.28
C SER A 178 8.54 -4.60 8.43
N LYS A 179 9.18 -3.99 9.41
CA LYS A 179 9.62 -4.77 10.62
C LYS A 179 8.44 -5.23 11.45
N GLU A 180 7.30 -4.56 11.38
CA GLU A 180 6.07 -5.09 12.08
C GLU A 180 5.59 -6.31 11.28
N LYS A 181 5.44 -7.43 11.94
CA LYS A 181 5.00 -8.69 11.26
C LYS A 181 3.72 -8.48 10.44
N TYR A 182 2.78 -7.70 10.98
CA TYR A 182 1.46 -7.54 10.34
C TYR A 182 1.26 -6.25 9.49
N TYR A 183 2.37 -5.62 9.14
CA TYR A 183 2.35 -4.43 8.31
C TYR A 183 2.04 -4.66 6.83
N GLY A 184 1.31 -3.74 6.26
CA GLY A 184 1.14 -3.69 4.78
C GLY A 184 0.11 -4.71 4.33
N TYR A 185 0.04 -4.78 2.98
CA TYR A 185 -0.89 -5.77 2.41
C TYR A 185 -0.62 -7.22 2.89
N THR A 186 0.65 -7.61 2.80
CA THR A 186 0.95 -9.09 3.03
C THR A 186 0.84 -9.30 4.58
N GLY A 187 1.28 -8.31 5.40
CA GLY A 187 1.15 -8.38 6.85
C GLY A 187 -0.28 -8.49 7.37
N ALA A 188 -1.19 -7.67 6.81
CA ALA A 188 -2.54 -7.67 7.23
C ALA A 188 -3.25 -8.99 6.74
N PHE A 189 -2.92 -9.45 5.57
CA PHE A 189 -3.43 -10.74 5.13
C PHE A 189 -2.89 -11.88 6.02
N ARG A 190 -1.67 -11.79 6.49
CA ARG A 190 -1.15 -12.79 7.39
C ARG A 190 -1.86 -12.76 8.73
N CYS A 191 -2.24 -11.57 9.18
CA CYS A 191 -2.93 -11.44 10.44
C CYS A 191 -4.29 -12.18 10.35
N LEU A 192 -5.00 -12.09 9.22
CA LEU A 192 -6.21 -12.87 8.97
C LEU A 192 -5.81 -14.39 8.77
N ALA A 193 -4.79 -14.68 8.01
CA ALA A 193 -4.46 -16.10 7.69
C ALA A 193 -4.23 -16.87 9.02
N GLU A 194 -3.61 -16.23 9.98
CA GLU A 194 -3.23 -16.80 11.25
C GLU A 194 -4.38 -16.73 12.26
N ASP A 195 -5.51 -16.19 11.87
CA ASP A 195 -6.63 -16.00 12.79
C ASP A 195 -6.34 -15.09 13.96
N VAL A 196 -5.36 -14.20 13.79
CA VAL A 196 -5.17 -13.13 14.79
C VAL A 196 -6.36 -12.19 14.69
N GLY A 197 -6.78 -11.87 13.49
CA GLY A 197 -7.99 -11.08 13.26
C GLY A 197 -9.10 -11.82 12.57
N ASP A 198 -10.31 -11.28 12.65
CA ASP A 198 -11.48 -11.80 11.94
C ASP A 198 -11.60 -11.28 10.50
N VAL A 199 -11.09 -10.09 10.27
CA VAL A 199 -11.23 -9.46 8.92
C VAL A 199 -9.93 -8.74 8.58
N ALA A 200 -9.52 -8.79 7.30
CA ALA A 200 -8.40 -8.01 6.83
C ALA A 200 -8.90 -7.07 5.72
N PHE A 201 -8.41 -5.82 5.83
CA PHE A 201 -8.68 -4.75 4.80
C PHE A 201 -7.45 -4.62 3.97
N VAL A 202 -7.42 -5.30 2.77
CA VAL A 202 -6.33 -5.32 1.83
C VAL A 202 -6.94 -5.10 0.46
N LYS A 203 -6.22 -5.55 -0.58
CA LYS A 203 -6.76 -5.47 -1.94
C LYS A 203 -6.92 -6.80 -2.51
N ASN A 204 -7.69 -6.84 -3.59
CA ASN A 204 -7.95 -8.18 -4.20
C ASN A 204 -6.64 -8.90 -4.54
N ASP A 205 -5.59 -8.26 -5.08
CA ASP A 205 -4.43 -8.96 -5.59
C ASP A 205 -3.80 -9.69 -4.43
N THR A 206 -3.77 -9.10 -3.21
CA THR A 206 -3.09 -9.72 -2.06
C THR A 206 -3.62 -11.13 -1.81
N VAL A 207 -4.93 -11.33 -1.84
CA VAL A 207 -5.49 -12.64 -1.55
C VAL A 207 -4.93 -13.63 -2.61
N TRP A 208 -4.99 -13.34 -3.92
CA TRP A 208 -4.52 -14.27 -4.97
C TRP A 208 -3.04 -14.50 -4.88
N GLU A 209 -2.24 -13.49 -4.54
CA GLU A 209 -0.81 -13.59 -4.60
C GLU A 209 -0.21 -14.39 -3.43
N ASN A 210 -1.03 -14.66 -2.43
CA ASN A 210 -0.57 -15.31 -1.22
C ASN A 210 -1.32 -16.56 -0.90
N THR A 211 -1.89 -17.15 -1.95
CA THR A 211 -2.63 -18.40 -1.74
C THR A 211 -2.25 -19.31 -2.87
N ASN A 212 -2.64 -20.55 -2.64
CA ASN A 212 -2.59 -21.60 -3.74
C ASN A 212 -1.19 -21.73 -4.34
N GLY A 213 -0.14 -21.67 -3.52
CA GLY A 213 1.24 -21.69 -3.94
C GLY A 213 1.83 -20.51 -4.64
N GLU A 214 1.04 -19.44 -4.77
CA GLU A 214 1.62 -18.23 -5.40
C GLU A 214 2.69 -17.60 -4.53
N SER A 215 2.61 -17.84 -3.23
CA SER A 215 3.73 -17.49 -2.33
C SER A 215 4.28 -18.72 -1.67
N THR A 216 5.61 -18.82 -1.63
CA THR A 216 6.26 -19.94 -0.98
C THR A 216 6.65 -19.57 0.40
N ALA A 217 6.33 -18.33 0.84
CA ALA A 217 6.62 -18.02 2.21
C ALA A 217 6.01 -18.99 3.24
N ASP A 218 6.71 -19.21 4.34
CA ASP A 218 6.21 -20.19 5.31
C ASP A 218 4.75 -20.04 5.76
N TRP A 219 4.33 -18.82 6.12
CA TRP A 219 2.98 -18.60 6.57
C TRP A 219 1.89 -18.70 5.45
N ALA A 220 2.35 -18.57 4.22
CA ALA A 220 1.36 -18.46 3.12
C ALA A 220 1.28 -19.76 2.27
N LYS A 221 2.37 -20.53 2.39
CA LYS A 221 2.64 -21.60 1.39
C LYS A 221 1.56 -22.61 1.31
N ASN A 222 0.85 -22.86 2.40
CA ASN A 222 -0.26 -23.78 2.52
C ASN A 222 -1.69 -23.18 2.51
N LEU A 223 -1.83 -21.85 2.28
CA LEU A 223 -3.19 -21.26 2.23
C LEU A 223 -3.92 -21.52 0.93
N LYS A 224 -5.22 -21.77 1.06
CA LYS A 224 -6.11 -22.01 -0.06
C LYS A 224 -7.13 -20.89 -0.18
N ARG A 225 -7.35 -20.47 -1.41
CA ARG A 225 -8.23 -19.41 -1.76
C ARG A 225 -9.65 -19.71 -1.30
N GLU A 226 -10.02 -20.97 -1.39
CA GLU A 226 -11.36 -21.30 -1.08
C GLU A 226 -11.71 -21.20 0.41
N ASP A 227 -10.71 -21.05 1.25
CA ASP A 227 -10.89 -20.90 2.64
C ASP A 227 -11.13 -19.40 2.96
N PHE A 228 -11.25 -18.56 1.94
CA PHE A 228 -11.51 -17.12 2.24
C PHE A 228 -12.76 -16.64 1.53
N ARG A 229 -13.35 -15.58 2.05
CA ARG A 229 -14.50 -14.93 1.48
C ARG A 229 -14.34 -13.41 1.56
N LEU A 230 -14.99 -12.75 0.64
CA LEU A 230 -15.03 -11.25 0.61
C LEU A 230 -16.35 -10.81 1.20
N LEU A 231 -16.42 -9.71 1.96
CA LEU A 231 -17.59 -9.07 2.53
C LEU A 231 -18.07 -8.01 1.62
N CYS A 232 -19.31 -8.07 1.11
CA CYS A 232 -19.78 -7.06 0.18
C CYS A 232 -20.62 -6.09 1.00
N LEU A 233 -20.73 -4.84 0.52
CA LEU A 233 -21.39 -3.83 1.35
C LEU A 233 -22.91 -4.04 1.50
N ASP A 234 -23.49 -4.90 0.68
CA ASP A 234 -24.91 -5.25 0.85
C ASP A 234 -25.14 -6.33 1.88
N GLY A 235 -24.10 -6.73 2.61
CA GLY A 235 -24.26 -7.73 3.67
C GLY A 235 -24.06 -9.17 3.21
N THR A 236 -23.82 -9.43 1.92
CA THR A 236 -23.53 -10.79 1.39
C THR A 236 -22.02 -11.15 1.51
N ARG A 237 -21.65 -12.41 1.26
CA ARG A 237 -20.31 -12.92 1.34
C ARG A 237 -20.12 -13.60 0.01
N LYS A 238 -18.96 -13.45 -0.62
CA LYS A 238 -18.66 -14.04 -1.90
C LYS A 238 -17.27 -14.66 -1.99
N PRO A 239 -17.09 -15.64 -2.84
CA PRO A 239 -15.75 -16.18 -3.09
C PRO A 239 -14.85 -15.06 -3.64
N VAL A 240 -13.56 -15.30 -3.48
CA VAL A 240 -12.63 -14.22 -3.80
C VAL A 240 -12.49 -14.01 -5.34
N THR A 241 -13.08 -14.89 -6.21
CA THR A 241 -13.21 -14.69 -7.60
C THR A 241 -14.17 -13.54 -7.92
N GLU A 242 -14.95 -13.04 -6.94
CA GLU A 242 -16.04 -12.08 -7.27
C GLU A 242 -15.71 -10.67 -6.85
N ALA A 243 -14.42 -10.38 -6.76
CA ALA A 243 -13.99 -9.04 -6.28
C ALA A 243 -14.58 -7.88 -7.11
N GLN A 244 -14.80 -8.08 -8.41
CA GLN A 244 -15.31 -6.95 -9.28
C GLN A 244 -16.74 -6.59 -8.90
N SER A 245 -17.48 -7.46 -8.23
CA SER A 245 -18.82 -7.24 -7.66
C SER A 245 -19.03 -7.26 -6.17
N CYS A 246 -17.89 -7.30 -5.49
CA CYS A 246 -17.85 -7.34 -4.03
C CYS A 246 -16.56 -6.67 -3.47
N HIS A 247 -16.48 -5.37 -3.68
CA HIS A 247 -15.37 -4.57 -3.18
C HIS A 247 -15.91 -3.36 -2.42
N LEU A 248 -15.01 -2.75 -1.67
CA LEU A 248 -15.29 -1.50 -0.97
C LEU A 248 -15.09 -0.23 -1.76
N ALA A 249 -14.13 -0.30 -2.66
CA ALA A 249 -13.82 0.85 -3.57
C ALA A 249 -12.83 0.45 -4.58
N VAL A 250 -12.67 1.21 -5.66
CA VAL A 250 -11.53 1.12 -6.52
C VAL A 250 -10.51 2.21 -6.16
N ALA A 251 -9.32 1.79 -5.80
CA ALA A 251 -8.23 2.69 -5.32
C ALA A 251 -7.37 3.15 -6.43
N PRO A 252 -6.78 4.39 -6.39
CA PRO A 252 -5.76 4.81 -7.33
C PRO A 252 -4.42 4.11 -7.09
N ASN A 253 -3.73 3.69 -8.11
CA ASN A 253 -2.50 2.93 -7.93
C ASN A 253 -1.43 3.64 -7.15
N HIS A 254 -0.64 2.95 -6.36
CA HIS A 254 0.49 3.58 -5.73
C HIS A 254 1.31 4.36 -6.73
N ALA A 255 2.02 5.45 -6.39
CA ALA A 255 2.75 6.23 -7.37
C ALA A 255 3.92 6.95 -6.74
N VAL A 256 4.94 7.30 -7.50
CA VAL A 256 6.09 8.00 -7.02
C VAL A 256 5.77 9.51 -6.94
N VAL A 257 6.19 10.10 -5.80
CA VAL A 257 6.07 11.55 -5.69
C VAL A 257 7.42 12.19 -5.44
N SER A 258 7.51 13.52 -5.81
CA SER A 258 8.71 14.29 -5.56
C SER A 258 8.31 15.75 -5.43
N ARG A 259 9.33 16.55 -5.13
CA ARG A 259 9.15 17.96 -5.29
C ARG A 259 9.00 18.25 -6.74
N SER A 260 8.22 19.28 -6.98
CA SER A 260 7.99 19.75 -8.29
C SER A 260 9.30 20.03 -9.14
N ASP A 261 10.26 20.73 -8.59
CA ASP A 261 11.51 20.97 -9.28
C ASP A 261 12.44 19.86 -9.46
N ARG A 262 12.14 18.69 -8.80
CA ARG A 262 12.91 17.51 -9.11
C ARG A 262 12.16 16.48 -9.92
N ALA A 263 10.91 16.71 -10.25
CA ALA A 263 10.02 15.65 -10.85
C ALA A 263 10.49 15.24 -12.16
N ALA A 264 10.91 16.18 -13.03
CA ALA A 264 11.38 15.77 -14.33
C ALA A 264 12.60 14.88 -14.32
N HIS A 265 13.56 15.19 -13.48
CA HIS A 265 14.76 14.45 -13.35
C HIS A 265 14.48 13.05 -12.72
N VAL A 266 13.67 13.06 -11.65
CA VAL A 266 13.27 11.78 -11.02
C VAL A 266 12.64 10.94 -12.09
N GLU A 267 11.78 11.50 -12.94
CA GLU A 267 11.05 10.71 -13.95
C GLU A 267 12.08 10.09 -14.96
N GLN A 268 12.97 10.91 -15.48
CA GLN A 268 13.96 10.40 -16.48
C GLN A 268 14.80 9.31 -15.90
N VAL A 269 15.32 9.49 -14.68
CA VAL A 269 16.13 8.49 -14.05
C VAL A 269 15.32 7.21 -13.80
N LEU A 270 14.11 7.29 -13.31
CA LEU A 270 13.31 6.02 -13.05
C LEU A 270 13.05 5.32 -14.37
N LEU A 271 12.73 6.03 -15.43
CA LEU A 271 12.50 5.38 -16.71
C LEU A 271 13.74 4.58 -17.17
N HIS A 272 14.92 5.13 -16.97
CA HIS A 272 16.14 4.39 -17.28
C HIS A 272 16.40 3.27 -16.30
N GLN A 273 16.20 3.56 -15.03
CA GLN A 273 16.41 2.47 -14.07
C GLN A 273 15.52 1.24 -14.29
N GLN A 274 14.27 1.44 -14.67
CA GLN A 274 13.36 0.27 -14.89
C GLN A 274 13.76 -0.42 -16.21
N ALA A 275 14.29 0.32 -17.13
CA ALA A 275 14.82 -0.34 -18.39
C ALA A 275 15.94 -1.27 -18.07
N LEU A 276 16.76 -1.02 -17.06
CA LEU A 276 17.80 -1.91 -16.58
C LEU A 276 17.24 -2.98 -15.67
N PHE A 277 16.40 -2.58 -14.69
CA PHE A 277 16.11 -3.51 -13.56
C PHE A 277 14.62 -3.83 -13.40
N GLY A 278 13.72 -3.42 -14.30
CA GLY A 278 12.32 -3.63 -14.22
C GLY A 278 11.99 -5.05 -14.71
N LYS A 279 10.70 -5.26 -14.88
CA LYS A 279 10.22 -6.62 -15.29
C LYS A 279 10.73 -6.77 -16.72
N ASN A 280 11.42 -7.88 -16.95
CA ASN A 280 12.15 -8.08 -18.23
C ASN A 280 13.22 -7.01 -18.55
N GLY A 281 13.68 -6.23 -17.53
CA GLY A 281 14.76 -5.28 -17.69
C GLY A 281 16.07 -5.92 -18.18
N LYS A 282 16.91 -5.11 -18.81
CA LYS A 282 18.16 -5.61 -19.38
C LYS A 282 19.00 -6.47 -18.42
N ASN A 283 18.97 -6.12 -17.15
CA ASN A 283 19.73 -6.74 -16.11
C ASN A 283 18.92 -7.36 -14.93
N CYS A 284 17.70 -7.70 -15.20
CA CYS A 284 16.84 -8.43 -14.27
C CYS A 284 16.40 -9.67 -15.03
N PRO A 285 16.56 -10.84 -14.39
CA PRO A 285 17.01 -11.20 -13.03
C PRO A 285 18.52 -11.35 -12.76
N ASP A 286 19.33 -11.24 -13.84
CA ASP A 286 20.77 -11.41 -13.74
C ASP A 286 21.44 -10.71 -12.58
N LYS A 287 21.29 -9.38 -12.53
CA LYS A 287 21.97 -8.55 -11.54
C LYS A 287 21.00 -8.13 -10.43
N PHE A 288 19.89 -7.45 -10.76
CA PHE A 288 19.04 -6.87 -9.72
C PHE A 288 17.63 -6.64 -10.31
N CYS A 289 16.58 -6.92 -9.54
CA CYS A 289 15.19 -6.67 -10.00
C CYS A 289 14.47 -5.68 -9.05
N LEU A 290 14.23 -4.52 -9.63
CA LEU A 290 13.67 -3.34 -8.85
C LEU A 290 12.30 -3.74 -8.25
N PHE A 291 11.51 -4.57 -8.93
CA PHE A 291 10.09 -4.86 -8.54
C PHE A 291 9.92 -6.29 -7.95
N LYS A 292 10.99 -6.82 -7.39
CA LYS A 292 10.93 -8.02 -6.57
C LYS A 292 11.49 -7.76 -5.16
N SER A 293 10.96 -8.48 -4.16
CA SER A 293 11.45 -8.42 -2.83
C SER A 293 10.99 -9.67 -2.02
N GLU A 294 11.03 -10.86 -2.65
CA GLU A 294 10.46 -12.06 -1.95
C GLU A 294 9.06 -11.85 -1.29
N THR A 295 8.16 -11.19 -2.04
CA THR A 295 6.73 -10.96 -1.72
C THR A 295 6.46 -9.80 -0.74
N LYS A 296 7.53 -9.14 -0.34
CA LYS A 296 7.38 -8.21 0.75
C LYS A 296 7.12 -6.81 0.29
N ASN A 297 6.95 -6.59 -1.00
CA ASN A 297 6.52 -5.31 -1.52
C ASN A 297 7.39 -4.16 -0.99
N LEU A 298 8.72 -4.33 -1.09
CA LEU A 298 9.68 -3.34 -0.61
C LEU A 298 9.98 -2.35 -1.70
N LEU A 299 9.77 -1.06 -1.46
CA LEU A 299 9.95 0.14 -2.36
C LEU A 299 8.82 0.19 -3.33
N PHE A 300 8.50 -0.91 -4.01
CA PHE A 300 7.40 -1.01 -4.92
C PHE A 300 6.64 -2.30 -4.61
N ASN A 301 5.41 -2.41 -5.09
CA ASN A 301 4.71 -3.74 -5.04
C ASN A 301 5.40 -4.69 -5.98
N ASP A 302 5.47 -5.93 -5.49
CA ASP A 302 6.11 -6.99 -6.27
C ASP A 302 5.33 -7.26 -7.51
N ASN A 303 4.09 -6.87 -7.61
CA ASN A 303 3.28 -7.11 -8.85
C ASN A 303 3.36 -5.95 -9.85
N THR A 304 4.27 -5.00 -9.64
CA THR A 304 4.50 -3.93 -10.58
C THR A 304 5.17 -4.50 -11.85
N GLU A 305 4.53 -4.15 -12.98
CA GLU A 305 5.07 -4.50 -14.29
C GLU A 305 6.01 -3.39 -14.76
N CYS A 306 5.63 -2.11 -14.49
CA CYS A 306 6.44 -0.96 -14.84
C CYS A 306 5.89 0.23 -13.94
N LEU A 307 6.67 1.31 -13.98
CA LEU A 307 6.11 2.66 -13.61
C LEU A 307 5.70 3.33 -14.95
N ALA A 308 4.54 3.82 -14.92
CA ALA A 308 3.91 4.37 -16.19
C ALA A 308 3.80 5.84 -16.10
N LYS A 309 3.90 6.47 -17.26
CA LYS A 309 3.68 7.91 -17.37
C LYS A 309 2.26 8.28 -17.14
N LEU A 310 2.05 9.46 -16.51
CA LEU A 310 0.72 9.91 -16.15
C LEU A 310 0.14 10.77 -17.30
N GLY A 311 -1.13 10.69 -17.53
CA GLY A 311 -1.76 11.60 -18.53
C GLY A 311 -2.20 12.89 -17.89
N GLY A 312 -1.94 13.98 -18.61
CA GLY A 312 -2.53 15.27 -18.19
C GLY A 312 -1.74 15.93 -17.09
N ARG A 313 -0.46 15.56 -16.91
CA ARG A 313 0.32 16.19 -15.87
C ARG A 313 -0.50 16.45 -14.65
N PRO A 314 -1.00 15.44 -13.97
CA PRO A 314 -2.04 15.66 -12.99
C PRO A 314 -1.54 16.18 -11.69
N THR A 315 -2.33 17.04 -11.11
CA THR A 315 -2.09 17.37 -9.69
C THR A 315 -2.38 16.17 -8.79
N TYR A 316 -2.04 16.27 -7.49
CA TYR A 316 -2.34 15.12 -6.67
C TYR A 316 -3.80 14.86 -6.58
N GLU A 317 -4.62 15.89 -6.57
CA GLU A 317 -6.06 15.67 -6.47
C GLU A 317 -6.62 15.08 -7.76
N GLU A 318 -6.06 15.44 -8.91
CA GLU A 318 -6.49 14.86 -10.17
C GLU A 318 -6.10 13.38 -10.25
N TYR A 319 -4.95 13.04 -9.70
CA TYR A 319 -4.44 11.61 -9.69
C TYR A 319 -5.35 10.85 -8.73
N LEU A 320 -5.61 11.34 -7.51
CA LEU A 320 -6.40 10.55 -6.56
C LEU A 320 -7.86 10.42 -6.99
N GLY A 321 -8.38 11.51 -7.62
CA GLY A 321 -9.75 11.56 -7.99
C GLY A 321 -10.54 12.33 -7.02
N THR A 322 -11.56 13.12 -7.48
CA THR A 322 -12.22 14.03 -6.53
C THR A 322 -13.06 13.28 -5.44
N GLU A 323 -13.67 12.18 -5.81
CA GLU A 323 -14.43 11.31 -4.90
C GLU A 323 -13.55 10.83 -3.76
N TYR A 324 -12.38 10.32 -4.09
CA TYR A 324 -11.48 9.82 -3.05
C TYR A 324 -10.99 10.93 -2.16
N VAL A 325 -10.56 12.06 -2.77
CA VAL A 325 -10.13 13.17 -1.94
C VAL A 325 -11.18 13.63 -0.95
N THR A 326 -12.39 13.73 -1.45
CA THR A 326 -13.52 14.16 -0.63
C THR A 326 -13.73 13.08 0.52
N ALA A 327 -13.63 11.79 0.20
CA ALA A 327 -13.78 10.75 1.25
C ALA A 327 -12.69 10.93 2.34
N ILE A 328 -11.41 11.15 1.94
CA ILE A 328 -10.37 11.27 2.89
C ILE A 328 -10.65 12.51 3.77
N ALA A 329 -10.96 13.62 3.09
CA ALA A 329 -11.16 14.84 3.85
C ALA A 329 -12.27 14.71 4.91
N ASN A 330 -13.36 14.03 4.54
CA ASN A 330 -14.48 13.73 5.44
C ASN A 330 -13.98 12.92 6.61
N LEU A 331 -13.21 11.85 6.35
CA LEU A 331 -12.71 11.06 7.45
C LEU A 331 -11.76 11.80 8.39
N LYS A 332 -10.92 12.65 7.82
CA LYS A 332 -9.86 13.35 8.63
C LYS A 332 -10.50 14.40 9.54
N LYS A 333 -11.74 14.75 9.30
CA LYS A 333 -12.51 15.59 10.30
C LYS A 333 -12.68 14.90 11.63
N CYS A 334 -12.67 13.58 11.65
CA CYS A 334 -12.65 12.86 12.92
C CYS A 334 -11.38 12.97 13.78
N SER A 335 -10.25 13.37 13.17
CA SER A 335 -8.98 13.49 13.89
C SER A 335 -8.17 14.76 13.55
N LEU B 1 -9.29 20.56 5.65
CA LEU B 1 -9.02 20.59 4.21
C LEU B 1 -8.41 21.95 3.80
N GLU B 2 -7.07 21.90 4.04
CA GLU B 2 -6.27 22.99 3.45
C GLU B 2 -4.72 22.94 3.58
N ALA B 3 -4.19 22.54 4.75
CA ALA B 3 -2.76 22.76 5.03
C ALA B 3 -1.95 21.45 5.13
N CYS B 4 -0.63 21.61 4.96
CA CYS B 4 0.30 20.51 5.19
C CYS B 4 0.23 20.04 6.69
N ALA B 5 0.24 18.73 6.92
CA ALA B 5 0.24 18.13 8.30
C ALA B 5 1.49 18.37 9.14
N PHE B 6 2.56 18.85 8.52
CA PHE B 6 3.88 18.99 9.19
C PHE B 6 4.28 20.47 9.27
#